data_8XJE
#
_entry.id   8XJE
#
_cell.length_a   36.199
_cell.length_b   153.707
_cell.length_c   54.018
_cell.angle_alpha   90.000
_cell.angle_beta   91.741
_cell.angle_gamma   90.000
#
_symmetry.space_group_name_H-M   'P 1 21 1'
#
loop_
_entity.id
_entity.type
_entity.pdbx_description
1 polymer YqeY
2 water water
#
_entity_poly.entity_id   1
_entity_poly.type   'polypeptide(L)'
_entity_poly.pdbx_seq_one_letter_code
;GSAKDPMTLKEQILNDIKEAMKQKDDFKRDSLRTLNAAFKQIEVDERIELDNERIYKIIASEIKKRKDAIELYLKANRED
LAQKEQNEISLFEIYLPKQLSDEELTLALKQLIEELGVSSLKEQGLVMKEAKIKLGASVDGKRLNLALKELLQ
;
_entity_poly.pdbx_strand_id   A,B,C,D
#
# COMPACT_ATOMS: atom_id res chain seq x y z
N MET A 7 16.42 -17.15 9.89
CA MET A 7 15.68 -15.90 9.91
C MET A 7 15.95 -15.12 8.62
N THR A 8 14.87 -14.75 7.93
CA THR A 8 15.01 -14.14 6.61
C THR A 8 15.48 -12.68 6.72
N LEU A 9 15.92 -12.13 5.58
CA LEU A 9 16.40 -10.75 5.57
C LEU A 9 15.26 -9.79 5.89
N LYS A 10 14.06 -10.08 5.37
CA LYS A 10 12.87 -9.29 5.69
C LYS A 10 12.60 -9.35 7.19
N GLU A 11 12.74 -10.54 7.78
CA GLU A 11 12.52 -10.68 9.21
C GLU A 11 13.57 -9.89 9.98
N GLN A 12 14.82 -9.94 9.50
CA GLN A 12 15.90 -9.20 10.13
C GLN A 12 15.56 -7.71 10.17
N ILE A 13 15.09 -7.15 9.06
CA ILE A 13 14.79 -5.74 9.03
C ILE A 13 13.58 -5.42 9.90
N LEU A 14 12.53 -6.25 9.86
CA LEU A 14 11.39 -6.00 10.73
C LEU A 14 11.79 -6.08 12.20
N ASN A 15 12.69 -7.01 12.53
CA ASN A 15 13.19 -7.14 13.89
C ASN A 15 13.93 -5.88 14.34
N ASP A 16 14.72 -5.28 13.44
CA ASP A 16 15.44 -4.04 13.75
C ASP A 16 14.49 -2.86 13.91
N ILE A 17 13.36 -2.86 13.21
CA ILE A 17 12.35 -1.84 13.41
C ILE A 17 11.77 -1.93 14.82
N LYS A 18 11.42 -3.16 15.24
CA LYS A 18 10.90 -3.35 16.58
C LYS A 18 11.92 -2.94 17.63
N GLU A 19 13.19 -3.35 17.45
CA GLU A 19 14.24 -2.97 18.37
C GLU A 19 14.36 -1.44 18.46
N ALA A 20 14.33 -0.77 17.31
CA ALA A 20 14.41 0.69 17.29
C ALA A 20 13.26 1.32 18.06
N MET A 21 12.08 0.72 17.97
CA MET A 21 10.93 1.20 18.71
C MET A 21 11.15 1.01 20.20
N LYS A 22 11.65 -0.16 20.59
CA LYS A 22 11.84 -0.47 22.00
C LYS A 22 12.99 0.33 22.60
N GLN A 23 13.97 0.72 21.79
CA GLN A 23 15.09 1.50 22.31
C GLN A 23 14.91 2.99 22.08
N LYS A 24 13.80 3.38 21.46
CA LYS A 24 13.42 4.78 21.31
C LYS A 24 14.42 5.52 20.43
N ASP A 25 14.70 4.93 19.27
CA ASP A 25 15.51 5.49 18.19
C ASP A 25 14.52 5.70 17.02
N ASP A 26 13.84 6.85 17.03
CA ASP A 26 12.80 7.14 16.04
C ASP A 26 13.37 7.22 14.63
N PHE A 27 14.57 7.76 14.49
CA PHE A 27 15.16 7.89 13.15
C PHE A 27 15.36 6.51 12.52
N LYS A 28 15.88 5.56 13.30
CA LYS A 28 16.07 4.21 12.78
C LYS A 28 14.73 3.58 12.43
N ARG A 29 13.73 3.75 13.30
CA ARG A 29 12.40 3.22 13.03
C ARG A 29 11.87 3.76 11.70
N ASP A 30 11.93 5.07 11.51
CA ASP A 30 11.33 5.70 10.35
C ASP A 30 12.08 5.35 9.07
N SER A 31 13.41 5.29 9.14
CA SER A 31 14.20 4.96 7.95
C SER A 31 13.94 3.52 7.51
N LEU A 32 13.97 2.57 8.46
CA LEU A 32 13.77 1.17 8.09
C LEU A 32 12.33 0.91 7.63
N ARG A 33 11.34 1.56 8.25
CA ARG A 33 9.96 1.46 7.77
C ARG A 33 9.86 1.98 6.33
N THR A 34 10.61 3.02 6.00
CA THR A 34 10.65 3.46 4.61
C THR A 34 11.14 2.35 3.72
N LEU A 35 12.19 1.66 4.15
CA LEU A 35 12.69 0.52 3.39
C LEU A 35 11.63 -0.58 3.28
N ASN A 36 10.95 -0.91 4.39
CA ASN A 36 9.95 -1.96 4.35
C ASN A 36 8.75 -1.58 3.49
N ALA A 37 8.38 -0.30 3.48
CA ALA A 37 7.32 0.18 2.60
C ALA A 37 7.67 -0.09 1.14
N ALA A 38 8.94 0.10 0.78
CA ALA A 38 9.38 -0.18 -0.59
C ALA A 38 9.26 -1.67 -0.92
N PHE A 39 9.61 -2.54 0.04
CA PHE A 39 9.47 -3.98 -0.13
C PHE A 39 8.01 -4.35 -0.44
N LYS A 40 7.06 -3.89 0.40
CA LYS A 40 5.67 -4.28 0.23
C LYS A 40 5.05 -3.69 -1.03
N GLN A 41 5.53 -2.53 -1.49
CA GLN A 41 5.02 -2.00 -2.75
C GLN A 41 5.38 -2.91 -3.92
N ILE A 42 6.61 -3.41 -3.95
CA ILE A 42 7.02 -4.29 -5.04
C ILE A 42 6.31 -5.63 -4.92
N GLU A 43 6.16 -6.14 -3.69
CA GLU A 43 5.48 -7.41 -3.49
C GLU A 43 4.03 -7.33 -3.94
N VAL A 44 3.37 -6.21 -3.70
CA VAL A 44 1.99 -6.06 -4.11
C VAL A 44 1.90 -5.82 -5.62
N ASP A 45 2.69 -4.87 -6.14
CA ASP A 45 2.63 -4.55 -7.57
C ASP A 45 3.02 -5.76 -8.41
N GLU A 46 4.07 -6.47 -8.02
CA GLU A 46 4.58 -7.55 -8.87
C GLU A 46 4.10 -8.95 -8.48
N ARG A 47 3.29 -9.07 -7.42
CA ARG A 47 2.81 -10.35 -6.90
C ARG A 47 3.94 -11.38 -6.78
N ILE A 48 4.97 -11.01 -6.03
CA ILE A 48 6.13 -11.88 -5.82
C ILE A 48 6.46 -11.92 -4.35
N GLU A 49 7.30 -12.88 -3.99
CA GLU A 49 8.00 -12.89 -2.70
C GLU A 49 9.44 -12.44 -2.91
N LEU A 50 9.92 -11.58 -2.01
CA LEU A 50 11.25 -11.00 -2.18
C LEU A 50 12.33 -11.99 -1.70
N ASP A 51 13.25 -12.32 -2.58
CA ASP A 51 14.45 -13.02 -2.15
C ASP A 51 15.54 -12.00 -1.82
N ASN A 52 16.67 -12.48 -1.29
CA ASN A 52 17.71 -11.55 -0.87
C ASN A 52 18.24 -10.76 -2.06
N GLU A 53 18.33 -11.41 -3.23
CA GLU A 53 18.84 -10.73 -4.41
C GLU A 53 18.00 -9.51 -4.76
N ARG A 54 16.68 -9.67 -4.79
CA ARG A 54 15.82 -8.52 -5.09
C ARG A 54 15.90 -7.48 -3.97
N ILE A 55 16.04 -7.91 -2.72
CA ILE A 55 16.19 -6.96 -1.63
C ILE A 55 17.44 -6.11 -1.82
N TYR A 56 18.54 -6.72 -2.23
CA TYR A 56 19.77 -5.96 -2.49
C TYR A 56 19.56 -4.89 -3.56
N LYS A 57 18.86 -5.24 -4.64
CA LYS A 57 18.60 -4.27 -5.70
C LYS A 57 17.75 -3.13 -5.20
N ILE A 58 16.76 -3.43 -4.35
CA ILE A 58 15.93 -2.36 -3.82
C ILE A 58 16.78 -1.43 -2.97
N ILE A 59 17.64 -2.01 -2.11
CA ILE A 59 18.51 -1.22 -1.26
C ILE A 59 19.45 -0.38 -2.11
N ALA A 60 20.07 -1.00 -3.12
CA ALA A 60 21.01 -0.28 -3.96
C ALA A 60 20.35 0.93 -4.62
N SER A 61 19.11 0.76 -5.08
CA SER A 61 18.41 1.86 -5.75
C SER A 61 18.02 2.95 -4.78
N GLU A 62 17.63 2.58 -3.56
CA GLU A 62 17.32 3.58 -2.57
C GLU A 62 18.57 4.34 -2.12
N ILE A 63 19.73 3.66 -2.06
CA ILE A 63 20.96 4.34 -1.73
C ILE A 63 21.39 5.28 -2.88
N LYS A 64 21.29 4.80 -4.14
CA LYS A 64 21.73 5.62 -5.27
C LYS A 64 20.92 6.91 -5.34
N LYS A 65 19.59 6.81 -5.15
CA LYS A 65 18.76 7.99 -5.13
C LYS A 65 19.22 8.98 -4.05
N ARG A 66 19.60 8.46 -2.88
CA ARG A 66 20.06 9.30 -1.78
C ARG A 66 21.44 9.90 -2.05
N LYS A 67 22.35 9.14 -2.66
CA LYS A 67 23.63 9.73 -3.05
C LYS A 67 23.41 10.90 -3.99
N ASP A 68 22.48 10.75 -4.94
CA ASP A 68 22.12 11.84 -5.83
C ASP A 68 21.54 13.03 -5.06
N ALA A 69 20.66 12.77 -4.08
CA ALA A 69 20.11 13.89 -3.31
C ALA A 69 21.19 14.62 -2.52
N ILE A 70 22.15 13.88 -1.97
CA ILE A 70 23.17 14.49 -1.12
C ILE A 70 23.92 15.56 -1.88
N GLU A 71 24.19 15.30 -3.17
CA GLU A 71 24.91 16.24 -4.01
C GLU A 71 24.09 17.49 -4.34
N LEU A 72 22.81 17.31 -4.66
CA LEU A 72 21.93 18.46 -4.86
C LEU A 72 21.74 19.25 -3.56
N TYR A 73 21.68 18.58 -2.41
CA TYR A 73 21.60 19.28 -1.13
C TYR A 73 22.84 20.13 -0.89
N LEU A 74 24.03 19.59 -1.17
CA LEU A 74 25.26 20.36 -0.99
C LEU A 74 25.29 21.54 -1.93
N LYS A 75 24.86 21.35 -3.19
CA LYS A 75 24.78 22.49 -4.09
C LYS A 75 23.78 23.53 -3.58
N ALA A 76 22.78 23.10 -2.82
CA ALA A 76 21.79 23.99 -2.21
C ALA A 76 22.21 24.51 -0.84
N ASN A 77 23.44 24.24 -0.39
CA ASN A 77 23.94 24.70 0.91
C ASN A 77 23.09 24.18 2.08
N ARG A 78 22.64 22.94 2.00
CA ARG A 78 21.84 22.34 3.08
C ARG A 78 22.60 21.13 3.62
N GLU A 79 23.68 21.38 4.35
CA GLU A 79 24.47 20.30 4.94
C GLU A 79 23.61 19.42 5.84
N ASP A 80 22.65 20.03 6.56
CA ASP A 80 21.73 19.26 7.40
C ASP A 80 21.04 18.16 6.60
N LEU A 81 20.46 18.50 5.46
CA LEU A 81 19.77 17.51 4.62
C LEU A 81 20.72 16.44 4.08
N ALA A 82 21.90 16.85 3.63
CA ALA A 82 22.83 15.86 3.11
C ALA A 82 23.23 14.86 4.20
N GLN A 83 23.49 15.34 5.42
CA GLN A 83 23.88 14.42 6.48
C GLN A 83 22.75 13.44 6.78
N LYS A 84 21.51 13.93 6.82
CA LYS A 84 20.35 13.08 7.09
C LYS A 84 20.24 11.96 6.06
N GLU A 85 20.37 12.31 4.78
CA GLU A 85 20.34 11.30 3.73
C GLU A 85 21.50 10.34 3.88
N GLN A 86 22.67 10.86 4.22
CA GLN A 86 23.83 9.99 4.40
C GLN A 86 23.62 9.05 5.58
N ASN A 87 23.02 9.55 6.66
CA ASN A 87 22.69 8.69 7.79
C ASN A 87 21.74 7.58 7.37
N GLU A 88 20.84 7.87 6.42
CA GLU A 88 19.93 6.83 5.92
C GLU A 88 20.69 5.74 5.18
N ILE A 89 21.66 6.14 4.35
CA ILE A 89 22.47 5.18 3.60
C ILE A 89 23.20 4.24 4.56
N SER A 90 23.81 4.80 5.61
CA SER A 90 24.55 3.98 6.57
C SER A 90 23.66 2.91 7.20
N LEU A 91 22.39 3.25 7.46
CA LEU A 91 21.44 2.27 7.98
C LEU A 91 21.13 1.19 6.94
N PHE A 92 20.96 1.59 5.67
CA PHE A 92 20.57 0.59 4.67
C PHE A 92 21.73 -0.31 4.29
N GLU A 93 22.95 0.21 4.31
CA GLU A 93 24.14 -0.52 3.85
C GLU A 93 24.42 -1.74 4.71
N ILE A 94 23.97 -1.71 5.96
CA ILE A 94 24.24 -2.79 6.92
C ILE A 94 23.75 -4.13 6.42
N TYR A 95 22.70 -4.13 5.59
CA TYR A 95 22.06 -5.34 5.11
C TYR A 95 22.66 -5.89 3.84
N LEU A 96 23.57 -5.16 3.17
CA LEU A 96 24.17 -5.63 1.92
C LEU A 96 25.13 -6.81 2.16
N PRO A 97 25.29 -7.68 1.16
CA PRO A 97 26.16 -8.86 1.33
C PRO A 97 27.64 -8.50 1.38
N LYS A 98 28.42 -9.49 1.84
CA LYS A 98 29.88 -9.37 1.85
C LYS A 98 30.40 -9.05 0.46
N GLN A 99 31.27 -8.05 0.37
CA GLN A 99 31.80 -7.65 -0.93
C GLN A 99 33.03 -8.48 -1.33
N LEU A 100 33.12 -8.82 -2.62
CA LEU A 100 34.26 -9.60 -3.11
C LEU A 100 35.55 -8.80 -2.94
N SER A 101 36.63 -9.50 -2.60
CA SER A 101 37.95 -8.88 -2.55
C SER A 101 38.49 -8.65 -3.96
N ASP A 102 39.54 -7.83 -4.05
CA ASP A 102 40.14 -7.56 -5.35
C ASP A 102 40.60 -8.85 -6.04
N GLU A 103 41.21 -9.76 -5.27
CA GLU A 103 41.68 -11.02 -5.86
C GLU A 103 40.51 -11.92 -6.23
N GLU A 104 39.48 -11.95 -5.39
CA GLU A 104 38.27 -12.71 -5.70
C GLU A 104 37.56 -12.13 -6.91
N LEU A 105 37.49 -10.79 -7.00
CA LEU A 105 36.84 -10.17 -8.15
C LEU A 105 37.57 -10.52 -9.44
N THR A 106 38.89 -10.60 -9.39
CA THR A 106 39.67 -10.91 -10.59
C THR A 106 39.42 -12.33 -11.10
N LEU A 107 39.47 -13.34 -10.21
CA LEU A 107 39.19 -14.70 -10.65
C LEU A 107 37.77 -14.82 -11.19
N ALA A 108 36.82 -14.17 -10.53
CA ALA A 108 35.44 -14.22 -11.02
C ALA A 108 35.35 -13.62 -12.41
N LEU A 109 36.03 -12.51 -12.66
CA LEU A 109 35.96 -11.92 -13.99
C LEU A 109 36.69 -12.79 -15.00
N LYS A 110 37.83 -13.38 -14.63
CA LYS A 110 38.53 -14.27 -15.53
C LYS A 110 37.66 -15.45 -15.94
N GLN A 111 36.98 -16.05 -14.96
CA GLN A 111 36.06 -17.15 -15.25
C GLN A 111 34.96 -16.70 -16.20
N LEU A 112 34.32 -15.57 -15.89
CA LEU A 112 33.21 -15.12 -16.73
C LEU A 112 33.67 -14.71 -18.12
N ILE A 113 34.87 -14.13 -18.23
CA ILE A 113 35.42 -13.77 -19.53
C ILE A 113 35.64 -15.01 -20.40
N GLU A 114 36.05 -16.13 -19.79
CA GLU A 114 36.20 -17.37 -20.55
C GLU A 114 34.85 -17.95 -20.95
N GLU A 115 33.87 -17.85 -20.05
CA GLU A 115 32.51 -18.31 -20.37
C GLU A 115 31.95 -17.57 -21.58
N LEU A 116 32.21 -16.27 -21.68
CA LEU A 116 31.67 -15.45 -22.77
C LEU A 116 32.49 -15.54 -24.04
N GLY A 117 33.76 -15.92 -23.95
CA GLY A 117 34.63 -15.89 -25.12
C GLY A 117 35.11 -14.51 -25.52
N VAL A 118 35.05 -13.54 -24.60
CA VAL A 118 35.48 -12.18 -24.91
C VAL A 118 37.00 -12.11 -25.01
N SER A 119 37.48 -11.02 -25.58
CA SER A 119 38.91 -10.88 -25.81
C SER A 119 39.40 -9.45 -25.86
N SER A 120 38.54 -8.45 -25.74
CA SER A 120 38.99 -7.08 -25.93
C SER A 120 38.04 -6.12 -25.25
N LEU A 121 38.49 -4.89 -25.07
CA LEU A 121 37.68 -3.86 -24.44
C LEU A 121 36.42 -3.55 -25.23
N LYS A 122 36.40 -3.86 -26.52
CA LYS A 122 35.23 -3.59 -27.35
C LYS A 122 34.00 -4.36 -26.87
N GLU A 123 34.19 -5.39 -26.04
CA GLU A 123 33.08 -6.15 -25.47
C GLU A 123 32.85 -5.84 -23.99
N GLN A 124 33.45 -4.75 -23.47
CA GLN A 124 33.35 -4.49 -22.03
C GLN A 124 31.91 -4.23 -21.61
N GLY A 125 31.13 -3.54 -22.43
CA GLY A 125 29.74 -3.31 -22.08
C GLY A 125 28.99 -4.61 -21.88
N LEU A 126 29.30 -5.61 -22.72
CA LEU A 126 28.65 -6.91 -22.58
C LEU A 126 29.09 -7.59 -21.30
N VAL A 127 30.39 -7.50 -20.97
CA VAL A 127 30.91 -8.12 -19.77
C VAL A 127 30.39 -7.42 -18.52
N MET A 128 30.30 -6.07 -18.56
CA MET A 128 29.80 -5.32 -17.41
C MET A 128 28.40 -5.77 -17.01
N LYS A 129 27.51 -5.88 -18.00
CA LYS A 129 26.12 -6.24 -17.74
C LYS A 129 26.02 -7.67 -17.22
N GLU A 130 26.80 -8.58 -17.81
CA GLU A 130 26.74 -9.98 -17.40
C GLU A 130 27.34 -10.17 -16.01
N ALA A 131 28.42 -9.45 -15.70
CA ALA A 131 29.01 -9.53 -14.38
C ALA A 131 28.06 -9.01 -13.31
N LYS A 132 27.33 -7.93 -13.62
CA LYS A 132 26.37 -7.41 -12.67
C LYS A 132 25.28 -8.43 -12.37
N ILE A 133 25.01 -9.34 -13.33
CA ILE A 133 24.00 -10.34 -13.10
C ILE A 133 24.58 -11.53 -12.33
N LYS A 134 25.79 -11.95 -12.68
CA LYS A 134 26.34 -13.14 -12.05
C LYS A 134 26.83 -12.85 -10.63
N LEU A 135 27.41 -11.66 -10.43
CA LEU A 135 27.96 -11.29 -9.13
C LEU A 135 26.97 -10.51 -8.27
N GLY A 136 26.07 -9.75 -8.88
CA GLY A 136 25.02 -9.10 -8.09
C GLY A 136 25.55 -8.00 -7.20
N ALA A 137 25.12 -8.02 -5.95
CA ALA A 137 25.45 -6.97 -5.00
C ALA A 137 26.75 -7.23 -4.25
N SER A 138 27.49 -8.26 -4.65
CA SER A 138 28.81 -8.54 -4.08
C SER A 138 29.90 -7.67 -4.66
N VAL A 139 29.63 -6.90 -5.71
CA VAL A 139 30.59 -5.93 -6.23
C VAL A 139 29.83 -4.74 -6.82
N ASP A 140 30.36 -3.54 -6.60
CA ASP A 140 29.74 -2.35 -7.17
C ASP A 140 30.26 -2.07 -8.58
N GLY A 141 29.53 -1.22 -9.30
CA GLY A 141 29.85 -0.91 -10.68
C GLY A 141 31.26 -0.36 -10.87
N LYS A 142 31.68 0.57 -10.01
CA LYS A 142 32.99 1.21 -10.15
C LYS A 142 34.12 0.18 -10.10
N ARG A 143 34.08 -0.72 -9.12
CA ARG A 143 35.15 -1.71 -8.99
C ARG A 143 35.13 -2.67 -10.16
N LEU A 144 33.92 -3.01 -10.60
CA LEU A 144 33.74 -3.91 -11.72
C LEU A 144 34.31 -3.27 -12.98
N ASN A 145 34.06 -1.97 -13.16
CA ASN A 145 34.60 -1.22 -14.28
C ASN A 145 36.12 -1.21 -14.24
N LEU A 146 36.69 -0.92 -13.07
CA LEU A 146 38.14 -0.80 -12.99
C LEU A 146 38.80 -2.16 -13.21
N ALA A 147 38.21 -3.23 -12.69
CA ALA A 147 38.84 -4.53 -12.89
C ALA A 147 38.73 -5.01 -14.34
N LEU A 148 37.63 -4.67 -15.01
CA LEU A 148 37.46 -5.06 -16.42
C LEU A 148 38.51 -4.40 -17.30
N LYS A 149 38.75 -3.10 -17.08
CA LYS A 149 39.79 -2.39 -17.82
C LYS A 149 41.14 -3.10 -17.70
N GLU A 150 41.52 -3.53 -16.47
CA GLU A 150 42.80 -4.20 -16.25
C GLU A 150 42.88 -5.54 -16.94
N LEU A 151 41.77 -6.27 -17.05
CA LEU A 151 41.80 -7.60 -17.67
C LEU A 151 41.66 -7.57 -19.18
N LEU A 152 40.75 -6.75 -19.72
CA LEU A 152 40.56 -6.70 -21.16
C LEU A 152 41.57 -5.77 -21.82
N LYS B 4 -3.07 -45.73 24.89
CA LYS B 4 -2.21 -46.41 23.91
C LYS B 4 -2.42 -45.91 22.47
N ASP B 5 -3.67 -45.78 22.05
CA ASP B 5 -3.91 -45.32 20.67
C ASP B 5 -3.84 -43.80 20.62
N PRO B 6 -3.18 -43.22 19.61
CA PRO B 6 -3.13 -41.76 19.51
C PRO B 6 -4.48 -41.15 19.13
N MET B 7 -4.73 -39.97 19.69
CA MET B 7 -5.91 -39.18 19.33
C MET B 7 -5.88 -38.84 17.85
N THR B 8 -7.04 -38.91 17.18
CA THR B 8 -7.05 -38.35 15.84
C THR B 8 -6.73 -36.85 15.94
N LEU B 9 -6.39 -36.27 14.80
CA LEU B 9 -6.01 -34.86 14.76
C LEU B 9 -7.17 -33.95 15.16
N LYS B 10 -8.36 -34.24 14.63
CA LYS B 10 -9.54 -33.46 14.99
C LYS B 10 -9.84 -33.55 16.50
N GLU B 11 -9.70 -34.75 17.08
CA GLU B 11 -9.91 -34.90 18.51
C GLU B 11 -8.85 -34.12 19.28
N GLN B 12 -7.62 -34.14 18.78
CA GLN B 12 -6.56 -33.38 19.43
C GLN B 12 -6.92 -31.90 19.53
N ILE B 13 -7.45 -31.34 18.45
CA ILE B 13 -7.79 -29.93 18.44
C ILE B 13 -8.97 -29.65 19.35
N LEU B 14 -9.98 -30.52 19.31
CA LEU B 14 -11.13 -30.39 20.21
C LEU B 14 -10.70 -30.50 21.66
N ASN B 15 -9.77 -31.41 21.95
CA ASN B 15 -9.25 -31.56 23.30
C ASN B 15 -8.50 -30.31 23.76
N ASP B 16 -7.74 -29.67 22.85
CA ASP B 16 -7.04 -28.44 23.21
C ASP B 16 -8.01 -27.30 23.46
N ILE B 17 -9.16 -27.31 22.79
CA ILE B 17 -10.20 -26.33 23.08
C ILE B 17 -10.70 -26.53 24.52
N LYS B 18 -10.98 -27.79 24.88
CA LYS B 18 -11.41 -28.09 26.25
C LYS B 18 -10.34 -27.69 27.26
N GLU B 19 -9.07 -28.02 27.00
CA GLU B 19 -8.00 -27.59 27.89
C GLU B 19 -7.99 -26.07 28.04
N ALA B 20 -8.16 -25.35 26.92
CA ALA B 20 -8.18 -23.89 26.97
C ALA B 20 -9.30 -23.38 27.87
N MET B 21 -10.47 -24.03 27.81
CA MET B 21 -11.58 -23.65 28.67
C MET B 21 -11.25 -23.90 30.14
N LYS B 22 -10.65 -25.06 30.43
CA LYS B 22 -10.27 -25.42 31.79
C LYS B 22 -9.26 -24.44 32.38
N GLN B 23 -8.52 -23.74 31.54
CA GLN B 23 -7.48 -22.83 32.01
C GLN B 23 -7.88 -21.39 31.79
N LYS B 24 -9.12 -21.17 31.31
CA LYS B 24 -9.69 -19.85 31.05
C LYS B 24 -8.83 -19.04 30.09
N ASP B 25 -8.31 -19.70 29.07
CA ASP B 25 -7.57 -19.01 28.01
C ASP B 25 -8.58 -18.70 26.90
N ASP B 26 -9.30 -17.57 27.04
CA ASP B 26 -10.36 -17.27 26.07
C ASP B 26 -9.81 -17.10 24.66
N PHE B 27 -8.61 -16.54 24.51
CA PHE B 27 -8.06 -16.37 23.17
C PHE B 27 -7.82 -17.72 22.50
N LYS B 28 -7.21 -18.64 23.23
CA LYS B 28 -6.94 -19.96 22.68
C LYS B 28 -8.26 -20.66 22.35
N ARG B 29 -9.23 -20.59 23.25
CA ARG B 29 -10.53 -21.21 23.02
C ARG B 29 -11.19 -20.65 21.75
N ASP B 30 -11.25 -19.32 21.66
CA ASP B 30 -11.97 -18.71 20.55
C ASP B 30 -11.25 -18.94 19.21
N SER B 31 -9.90 -18.90 19.20
CA SER B 31 -9.16 -19.11 17.95
C SER B 31 -9.35 -20.51 17.40
N LEU B 32 -9.21 -21.53 18.26
CA LEU B 32 -9.37 -22.92 17.84
C LEU B 32 -10.82 -23.23 17.48
N ARG B 33 -11.79 -22.59 18.14
CA ARG B 33 -13.17 -22.71 17.71
C ARG B 33 -13.37 -22.17 16.30
N THR B 34 -12.62 -21.13 15.95
CA THR B 34 -12.64 -20.63 14.58
C THR B 34 -12.12 -21.70 13.63
N LEU B 35 -11.03 -22.37 14.02
CA LEU B 35 -10.50 -23.43 13.17
C LEU B 35 -11.52 -24.56 13.01
N ASN B 36 -12.16 -24.97 14.11
CA ASN B 36 -13.16 -26.03 14.04
C ASN B 36 -14.36 -25.63 13.18
N ALA B 37 -14.73 -24.34 13.24
CA ALA B 37 -15.81 -23.85 12.39
C ALA B 37 -15.47 -24.04 10.93
N ALA B 38 -14.21 -23.79 10.57
CA ALA B 38 -13.79 -24.04 9.19
C ALA B 38 -13.89 -25.52 8.86
N PHE B 39 -13.49 -26.39 9.81
CA PHE B 39 -13.63 -27.83 9.60
C PHE B 39 -15.10 -28.21 9.35
N LYS B 40 -16.01 -27.64 10.15
CA LYS B 40 -17.43 -27.99 10.05
C LYS B 40 -18.03 -27.53 8.72
N GLN B 41 -17.69 -26.33 8.27
CA GLN B 41 -18.15 -25.86 6.97
C GLN B 41 -17.85 -26.88 5.87
N ILE B 42 -16.63 -27.43 5.88
CA ILE B 42 -16.28 -28.40 4.85
C ILE B 42 -16.98 -29.73 5.06
N GLU B 43 -17.08 -30.20 6.30
CA GLU B 43 -17.76 -31.48 6.53
C GLU B 43 -19.21 -31.38 6.10
N VAL B 44 -19.85 -30.24 6.40
CA VAL B 44 -21.26 -30.08 6.11
C VAL B 44 -21.48 -29.89 4.61
N ASP B 45 -20.69 -29.01 4.00
CA ASP B 45 -20.84 -28.69 2.58
C ASP B 45 -20.50 -29.88 1.69
N GLU B 46 -19.39 -30.56 1.97
CA GLU B 46 -18.89 -31.59 1.06
C GLU B 46 -19.30 -32.98 1.48
N ARG B 47 -20.04 -33.11 2.57
CA ARG B 47 -20.45 -34.41 3.10
C ARG B 47 -19.26 -35.37 3.22
N ILE B 48 -18.22 -34.93 3.91
CA ILE B 48 -17.05 -35.78 4.11
C ILE B 48 -16.60 -35.69 5.56
N GLU B 49 -15.74 -36.64 5.91
CA GLU B 49 -14.93 -36.57 7.11
C GLU B 49 -13.52 -36.15 6.72
N LEU B 50 -12.93 -35.26 7.51
CA LEU B 50 -11.64 -34.69 7.15
C LEU B 50 -10.51 -35.67 7.45
N ASP B 51 -9.72 -36.03 6.44
CA ASP B 51 -8.51 -36.77 6.73
C ASP B 51 -7.39 -35.78 7.09
N ASN B 52 -6.22 -36.31 7.48
CA ASN B 52 -5.14 -35.46 7.97
C ASN B 52 -4.66 -34.50 6.89
N GLU B 53 -4.48 -35.00 5.65
CA GLU B 53 -4.03 -34.13 4.56
C GLU B 53 -4.99 -32.98 4.34
N ARG B 54 -6.30 -33.23 4.43
CA ARG B 54 -7.26 -32.15 4.22
C ARG B 54 -7.21 -31.13 5.36
N ILE B 55 -7.02 -31.60 6.60
CA ILE B 55 -6.88 -30.69 7.74
C ILE B 55 -5.62 -29.84 7.60
N TYR B 56 -4.49 -30.46 7.21
CA TYR B 56 -3.27 -29.69 6.97
C TYR B 56 -3.49 -28.59 5.94
N LYS B 57 -4.17 -28.91 4.83
CA LYS B 57 -4.46 -27.91 3.79
C LYS B 57 -5.37 -26.80 4.30
N ILE B 58 -6.35 -27.15 5.15
CA ILE B 58 -7.21 -26.13 5.74
C ILE B 58 -6.37 -25.22 6.63
N ILE B 59 -5.51 -25.82 7.45
CA ILE B 59 -4.65 -25.03 8.33
C ILE B 59 -3.70 -24.16 7.51
N ALA B 60 -3.03 -24.76 6.52
CA ALA B 60 -2.07 -23.97 5.72
C ALA B 60 -2.74 -22.76 5.10
N SER B 61 -3.97 -22.91 4.59
CA SER B 61 -4.68 -21.78 3.99
C SER B 61 -5.09 -20.75 5.04
N GLU B 62 -5.49 -21.20 6.23
CA GLU B 62 -5.82 -20.24 7.29
C GLU B 62 -4.57 -19.47 7.71
N ILE B 63 -3.43 -20.17 7.76
CA ILE B 63 -2.18 -19.51 8.09
C ILE B 63 -1.75 -18.55 6.99
N LYS B 64 -1.85 -18.98 5.71
CA LYS B 64 -1.40 -18.11 4.62
C LYS B 64 -2.18 -16.80 4.57
N LYS B 65 -3.50 -16.87 4.73
CA LYS B 65 -4.31 -15.65 4.77
C LYS B 65 -3.85 -14.72 5.89
N ARG B 66 -3.46 -15.31 7.02
CA ARG B 66 -3.01 -14.51 8.15
C ARG B 66 -1.64 -13.89 7.91
N LYS B 67 -0.70 -14.65 7.31
CA LYS B 67 0.60 -14.08 7.00
C LYS B 67 0.50 -12.88 6.06
N ASP B 68 -0.38 -12.95 5.06
CA ASP B 68 -0.60 -11.84 4.15
C ASP B 68 -1.13 -10.62 4.89
N ALA B 69 -2.11 -10.84 5.77
CA ALA B 69 -2.66 -9.73 6.54
C ALA B 69 -1.60 -9.09 7.44
N ILE B 70 -0.71 -9.92 8.01
CA ILE B 70 0.30 -9.42 8.95
C ILE B 70 1.23 -8.41 8.27
N GLU B 71 1.69 -8.74 7.07
CA GLU B 71 2.60 -7.83 6.37
C GLU B 71 1.91 -6.53 5.99
N LEU B 72 0.63 -6.57 5.64
CA LEU B 72 -0.08 -5.32 5.38
C LEU B 72 -0.31 -4.52 6.67
N TYR B 73 -0.63 -5.23 7.78
CA TYR B 73 -0.81 -4.56 9.06
C TYR B 73 0.49 -3.89 9.52
N LEU B 74 1.63 -4.58 9.36
CA LEU B 74 2.89 -3.99 9.74
C LEU B 74 3.20 -2.74 8.92
N LYS B 75 3.00 -2.81 7.59
CA LYS B 75 3.17 -1.60 6.77
C LYS B 75 2.19 -0.50 7.16
N ALA B 76 0.97 -0.87 7.58
CA ALA B 76 0.02 0.11 8.08
C ALA B 76 0.37 0.66 9.46
N ASN B 77 1.44 0.17 10.08
CA ASN B 77 1.76 0.49 11.47
C ASN B 77 0.61 0.11 12.41
N ARG B 78 0.02 -1.06 12.18
CA ARG B 78 -0.91 -1.66 13.13
C ARG B 78 -0.27 -2.92 13.70
N GLU B 79 0.73 -2.72 14.57
CA GLU B 79 1.44 -3.86 15.15
C GLU B 79 0.55 -4.66 16.09
N ASP B 80 -0.45 -4.00 16.68
CA ASP B 80 -1.43 -4.72 17.49
C ASP B 80 -2.16 -5.78 16.68
N LEU B 81 -2.70 -5.39 15.51
CA LEU B 81 -3.42 -6.33 14.66
C LEU B 81 -2.50 -7.42 14.14
N ALA B 82 -1.29 -7.05 13.72
CA ALA B 82 -0.31 -8.03 13.24
C ALA B 82 -0.02 -9.07 14.32
N GLN B 83 0.19 -8.62 15.56
CA GLN B 83 0.51 -9.56 16.64
C GLN B 83 -0.64 -10.52 16.90
N LYS B 84 -1.88 -10.01 16.84
CA LYS B 84 -3.05 -10.86 17.06
C LYS B 84 -3.13 -11.98 16.01
N GLU B 85 -2.94 -11.64 14.72
CA GLU B 85 -2.95 -12.63 13.66
C GLU B 85 -1.84 -13.66 13.84
N GLN B 86 -0.65 -13.20 14.25
CA GLN B 86 0.46 -14.09 14.51
C GLN B 86 0.19 -15.00 15.69
N ASN B 87 -0.50 -14.49 16.71
CA ASN B 87 -0.82 -15.34 17.86
C ASN B 87 -1.75 -16.48 17.43
N GLU B 88 -2.64 -16.22 16.48
CA GLU B 88 -3.50 -17.26 15.91
C GLU B 88 -2.68 -18.28 15.14
N ILE B 89 -1.73 -17.81 14.30
CA ILE B 89 -0.87 -18.70 13.55
C ILE B 89 -0.11 -19.63 14.50
N SER B 90 0.44 -19.08 15.59
CA SER B 90 1.18 -19.92 16.53
C SER B 90 0.32 -21.03 17.09
N LEU B 91 -0.97 -20.77 17.31
CA LEU B 91 -1.86 -21.82 17.76
C LEU B 91 -2.12 -22.87 16.67
N PHE B 92 -2.34 -22.44 15.42
CA PHE B 92 -2.68 -23.36 14.34
C PHE B 92 -1.48 -24.19 13.91
N GLU B 93 -0.29 -23.63 14.04
CA GLU B 93 0.93 -24.22 13.47
C GLU B 93 1.25 -25.58 14.07
N ILE B 94 0.93 -25.77 15.35
CA ILE B 94 1.35 -26.97 16.07
C ILE B 94 0.75 -28.22 15.44
N TYR B 95 -0.35 -28.10 14.70
CA TYR B 95 -1.02 -29.28 14.14
C TYR B 95 -0.47 -29.70 12.78
N LEU B 96 0.39 -28.89 12.19
CA LEU B 96 1.00 -29.24 10.91
C LEU B 96 1.99 -30.37 11.09
N PRO B 97 2.22 -31.17 10.05
CA PRO B 97 3.24 -32.22 10.17
C PRO B 97 4.60 -31.56 10.34
N LYS B 98 5.59 -32.37 10.72
CA LYS B 98 6.93 -31.84 10.92
C LYS B 98 7.40 -31.14 9.65
N GLN B 99 7.90 -29.91 9.81
CA GLN B 99 8.35 -29.13 8.67
C GLN B 99 9.74 -29.60 8.24
N LEU B 100 9.94 -29.66 6.94
CA LEU B 100 11.22 -30.09 6.39
C LEU B 100 12.34 -29.18 6.86
N SER B 101 13.50 -29.78 7.11
CA SER B 101 14.66 -28.96 7.35
C SER B 101 15.13 -28.36 6.02
N ASP B 102 15.95 -27.31 6.10
CA ASP B 102 16.47 -26.68 4.88
C ASP B 102 17.28 -27.65 4.03
N GLU B 103 18.11 -28.49 4.64
CA GLU B 103 18.87 -29.46 3.86
C GLU B 103 17.95 -30.52 3.28
N GLU B 104 16.93 -30.94 4.05
CA GLU B 104 15.93 -31.87 3.52
C GLU B 104 15.11 -31.21 2.42
N LEU B 105 14.79 -29.92 2.57
CA LEU B 105 14.03 -29.20 1.55
C LEU B 105 14.83 -29.09 0.27
N THR B 106 16.14 -28.91 0.38
CA THR B 106 17.02 -28.79 -0.78
C THR B 106 17.12 -30.09 -1.54
N LEU B 107 17.36 -31.20 -0.83
CA LEU B 107 17.43 -32.49 -1.53
C LEU B 107 16.11 -32.78 -2.24
N ALA B 108 14.99 -32.45 -1.60
CA ALA B 108 13.69 -32.67 -2.23
C ALA B 108 13.59 -31.87 -3.53
N LEU B 109 14.02 -30.60 -3.50
CA LEU B 109 13.95 -29.79 -4.71
C LEU B 109 14.95 -30.24 -5.77
N LYS B 110 16.16 -30.64 -5.35
CA LYS B 110 17.12 -31.22 -6.29
C LYS B 110 16.57 -32.49 -6.91
N GLN B 111 15.95 -33.35 -6.10
CA GLN B 111 15.29 -34.55 -6.61
C GLN B 111 14.25 -34.20 -7.66
N LEU B 112 13.39 -33.23 -7.36
CA LEU B 112 12.33 -32.85 -8.29
C LEU B 112 12.91 -32.18 -9.53
N ILE B 113 13.94 -31.37 -9.35
CA ILE B 113 14.57 -30.71 -10.50
C ILE B 113 15.24 -31.74 -11.41
N GLU B 114 15.91 -32.73 -10.83
CA GLU B 114 16.57 -33.77 -11.64
C GLU B 114 15.55 -34.63 -12.34
N GLU B 115 14.58 -35.18 -11.60
CA GLU B 115 13.57 -36.03 -12.22
C GLU B 115 12.81 -35.29 -13.32
N LEU B 116 12.41 -34.04 -13.05
CA LEU B 116 11.60 -33.31 -14.01
C LEU B 116 12.42 -32.85 -15.23
N GLY B 117 13.73 -32.71 -15.08
CA GLY B 117 14.53 -32.25 -16.19
C GLY B 117 14.31 -30.77 -16.46
N VAL B 118 14.50 -29.98 -15.41
CA VAL B 118 14.28 -28.53 -15.44
C VAL B 118 15.49 -27.87 -14.79
N SER B 119 15.92 -26.75 -15.33
CA SER B 119 17.04 -26.04 -14.74
C SER B 119 16.85 -24.53 -14.62
N SER B 120 16.08 -23.91 -15.50
CA SER B 120 15.96 -22.47 -15.53
C SER B 120 14.79 -22.01 -14.67
N LEU B 121 14.93 -20.84 -14.08
CA LEU B 121 13.84 -20.27 -13.29
C LEU B 121 12.66 -19.85 -14.16
N LYS B 122 12.77 -20.03 -15.48
CA LYS B 122 11.64 -19.78 -16.37
C LYS B 122 10.49 -20.74 -16.09
N GLU B 123 10.80 -21.98 -15.75
CA GLU B 123 9.78 -22.95 -15.36
C GLU B 123 9.70 -23.10 -13.85
N GLN B 124 10.04 -22.04 -13.10
CA GLN B 124 9.96 -22.10 -11.65
C GLN B 124 8.53 -22.32 -11.19
N GLY B 125 7.58 -21.63 -11.82
CA GLY B 125 6.19 -21.90 -11.56
C GLY B 125 5.82 -23.35 -11.81
N LEU B 126 6.46 -23.99 -12.78
CA LEU B 126 6.15 -25.38 -13.07
C LEU B 126 6.62 -26.30 -11.94
N VAL B 127 7.84 -26.09 -11.43
CA VAL B 127 8.34 -26.93 -10.35
C VAL B 127 7.56 -26.66 -9.07
N MET B 128 7.24 -25.39 -8.82
CA MET B 128 6.51 -25.00 -7.62
C MET B 128 5.18 -25.71 -7.54
N LYS B 129 4.49 -25.85 -8.67
CA LYS B 129 3.19 -26.52 -8.66
C LYS B 129 3.33 -27.97 -8.22
N GLU B 130 4.30 -28.69 -8.79
CA GLU B 130 4.49 -30.09 -8.46
C GLU B 130 5.07 -30.28 -7.07
N ALA B 131 5.94 -29.36 -6.63
CA ALA B 131 6.49 -29.46 -5.28
C ALA B 131 5.38 -29.33 -4.25
N LYS B 132 4.58 -28.26 -4.36
CA LYS B 132 3.38 -28.12 -3.53
C LYS B 132 2.57 -29.40 -3.48
N ILE B 133 2.53 -30.14 -4.60
CA ILE B 133 1.77 -31.39 -4.64
C ILE B 133 2.54 -32.52 -3.97
N LYS B 134 3.85 -32.62 -4.22
CA LYS B 134 4.64 -33.73 -3.70
C LYS B 134 5.01 -33.55 -2.22
N LEU B 135 5.29 -32.32 -1.78
CA LEU B 135 5.73 -32.10 -0.41
C LEU B 135 4.58 -31.77 0.53
N GLY B 136 3.52 -31.18 0.01
CA GLY B 136 2.32 -30.95 0.83
C GLY B 136 2.55 -29.93 1.92
N ALA B 137 2.10 -30.26 3.14
CA ALA B 137 2.14 -29.34 4.26
C ALA B 137 3.42 -29.46 5.08
N SER B 138 4.39 -30.22 4.59
CA SER B 138 5.69 -30.33 5.25
C SER B 138 6.59 -29.12 5.00
N VAL B 139 6.21 -28.22 4.10
CA VAL B 139 6.90 -26.96 3.87
C VAL B 139 5.83 -25.93 3.50
N ASP B 140 5.99 -24.69 3.94
CA ASP B 140 4.98 -23.73 3.55
C ASP B 140 5.34 -23.12 2.19
N GLY B 141 4.31 -22.55 1.55
CA GLY B 141 4.48 -22.05 0.19
C GLY B 141 5.57 -21.01 0.06
N LYS B 142 5.58 -20.03 0.98
CA LYS B 142 6.58 -18.97 0.89
C LYS B 142 7.98 -19.54 0.96
N ARG B 143 8.21 -20.49 1.86
CA ARG B 143 9.53 -21.08 1.98
C ARG B 143 9.88 -21.88 0.73
N LEU B 144 8.88 -22.53 0.12
CA LEU B 144 9.11 -23.28 -1.11
C LEU B 144 9.55 -22.37 -2.25
N ASN B 145 8.91 -21.20 -2.37
CA ASN B 145 9.28 -20.27 -3.44
C ASN B 145 10.74 -19.82 -3.31
N LEU B 146 11.14 -19.37 -2.13
CA LEU B 146 12.49 -18.84 -1.97
C LEU B 146 13.55 -19.92 -2.12
N ALA B 147 13.26 -21.15 -1.70
CA ALA B 147 14.21 -22.22 -1.93
C ALA B 147 14.30 -22.56 -3.42
N LEU B 148 13.19 -22.44 -4.14
CA LEU B 148 13.22 -22.64 -5.57
C LEU B 148 14.01 -21.56 -6.27
N LYS B 149 13.70 -20.29 -5.98
CA LYS B 149 14.39 -19.18 -6.62
C LYS B 149 15.90 -19.31 -6.45
N GLU B 150 16.35 -19.64 -5.24
CA GLU B 150 17.79 -19.77 -5.01
C GLU B 150 18.36 -20.94 -5.81
N LEU B 151 17.60 -22.02 -5.94
CA LEU B 151 18.07 -23.23 -6.62
C LEU B 151 17.83 -23.22 -8.13
N LEU B 152 17.29 -22.14 -8.70
CA LEU B 152 17.07 -22.08 -10.15
C LEU B 152 17.84 -20.94 -10.81
N MET C 7 -23.54 18.04 -1.04
CA MET C 7 -22.51 17.02 -1.25
C MET C 7 -21.32 17.62 -1.99
N THR C 8 -20.12 17.51 -1.42
CA THR C 8 -18.96 17.95 -2.18
C THR C 8 -18.67 16.96 -3.31
N LEU C 9 -17.80 17.38 -4.22
CA LEU C 9 -17.48 16.53 -5.36
C LEU C 9 -16.76 15.26 -4.91
N LYS C 10 -15.79 15.37 -4.02
CA LYS C 10 -15.14 14.17 -3.50
C LYS C 10 -16.14 13.25 -2.78
N GLU C 11 -17.07 13.84 -2.01
CA GLU C 11 -18.08 13.00 -1.34
C GLU C 11 -18.96 12.30 -2.36
N GLN C 12 -19.37 13.01 -3.40
CA GLN C 12 -20.17 12.41 -4.47
C GLN C 12 -19.46 11.20 -5.06
N ILE C 13 -18.16 11.32 -5.32
CA ILE C 13 -17.44 10.21 -5.93
C ILE C 13 -17.28 9.06 -4.94
N LEU C 14 -16.98 9.36 -3.67
CA LEU C 14 -16.89 8.31 -2.67
C LEU C 14 -18.22 7.59 -2.50
N ASN C 15 -19.34 8.32 -2.57
CA ASN C 15 -20.66 7.70 -2.47
C ASN C 15 -20.95 6.78 -3.65
N ASP C 16 -20.54 7.19 -4.86
CA ASP C 16 -20.72 6.36 -6.05
C ASP C 16 -19.85 5.10 -6.01
N ILE C 17 -18.72 5.14 -5.31
CA ILE C 17 -17.95 3.93 -5.07
C ILE C 17 -18.73 2.98 -4.17
N LYS C 18 -19.33 3.51 -3.10
CA LYS C 18 -20.12 2.68 -2.19
C LYS C 18 -21.33 2.09 -2.89
N GLU C 19 -22.05 2.92 -3.64
CA GLU C 19 -23.19 2.45 -4.41
C GLU C 19 -22.78 1.32 -5.36
N ALA C 20 -21.63 1.48 -6.03
CA ALA C 20 -21.16 0.43 -6.93
C ALA C 20 -20.89 -0.87 -6.16
N MET C 21 -20.33 -0.75 -4.96
CA MET C 21 -20.11 -1.92 -4.13
C MET C 21 -21.41 -2.57 -3.70
N LYS C 22 -22.40 -1.77 -3.29
CA LYS C 22 -23.68 -2.34 -2.87
C LYS C 22 -24.38 -3.05 -4.01
N GLN C 23 -24.03 -2.71 -5.24
CA GLN C 23 -24.65 -3.26 -6.42
C GLN C 23 -23.78 -4.29 -7.12
N LYS C 24 -22.59 -4.58 -6.58
CA LYS C 24 -21.69 -5.57 -7.16
C LYS C 24 -21.24 -5.19 -8.56
N ASP C 25 -21.12 -3.89 -8.80
CA ASP C 25 -20.58 -3.39 -10.06
C ASP C 25 -19.09 -3.15 -9.84
N ASP C 26 -18.32 -4.23 -10.01
CA ASP C 26 -16.90 -4.19 -9.72
C ASP C 26 -16.14 -3.27 -10.68
N PHE C 27 -16.53 -3.21 -11.96
CA PHE C 27 -15.84 -2.32 -12.90
C PHE C 27 -16.04 -0.87 -12.50
N LYS C 28 -17.27 -0.48 -12.14
CA LYS C 28 -17.52 0.87 -11.66
C LYS C 28 -16.75 1.11 -10.37
N ARG C 29 -16.78 0.11 -9.48
CA ARG C 29 -16.06 0.19 -8.22
C ARG C 29 -14.58 0.44 -8.46
N ASP C 30 -13.96 -0.39 -9.31
CA ASP C 30 -12.52 -0.31 -9.51
C ASP C 30 -12.12 0.97 -10.25
N SER C 31 -12.93 1.40 -11.22
CA SER C 31 -12.60 2.60 -11.98
C SER C 31 -12.67 3.85 -11.11
N LEU C 32 -13.75 3.99 -10.33
CA LEU C 32 -13.84 5.20 -9.50
C LEU C 32 -12.76 5.22 -8.43
N ARG C 33 -12.40 4.05 -7.89
CA ARG C 33 -11.27 3.97 -6.97
C ARG C 33 -9.97 4.39 -7.64
N THR C 34 -9.81 4.10 -8.93
CA THR C 34 -8.63 4.55 -9.66
C THR C 34 -8.60 6.07 -9.75
N LEU C 35 -9.75 6.69 -10.00
CA LEU C 35 -9.83 8.14 -9.99
C LEU C 35 -9.52 8.70 -8.62
N ASN C 36 -10.09 8.10 -7.57
CA ASN C 36 -9.85 8.57 -6.21
C ASN C 36 -8.39 8.39 -5.82
N ALA C 37 -7.73 7.34 -6.32
CA ALA C 37 -6.30 7.21 -6.09
C ALA C 37 -5.53 8.40 -6.67
N ALA C 38 -5.96 8.90 -7.82
CA ALA C 38 -5.33 10.07 -8.41
C ALA C 38 -5.49 11.30 -7.52
N PHE C 39 -6.69 11.48 -6.95
CA PHE C 39 -6.93 12.56 -6.01
C PHE C 39 -6.01 12.42 -4.81
N LYS C 40 -5.93 11.21 -4.25
CA LYS C 40 -5.18 11.00 -3.02
C LYS C 40 -3.70 11.30 -3.23
N GLN C 41 -3.16 10.90 -4.39
CA GLN C 41 -1.74 11.09 -4.62
C GLN C 41 -1.40 12.57 -4.63
N ILE C 42 -2.26 13.38 -5.24
CA ILE C 42 -2.04 14.82 -5.28
C ILE C 42 -2.18 15.41 -3.87
N GLU C 43 -3.20 14.98 -3.11
CA GLU C 43 -3.37 15.51 -1.77
C GLU C 43 -2.21 15.15 -0.85
N VAL C 44 -1.67 13.95 -1.00
CA VAL C 44 -0.54 13.56 -0.16
C VAL C 44 0.72 14.28 -0.61
N ASP C 45 0.99 14.26 -1.92
CA ASP C 45 2.21 14.86 -2.43
C ASP C 45 2.23 16.36 -2.19
N GLU C 46 1.10 17.03 -2.41
CA GLU C 46 1.05 18.48 -2.32
C GLU C 46 0.48 18.99 -1.02
N ARG C 47 0.09 18.09 -0.10
CA ARG C 47 -0.45 18.50 1.20
C ARG C 47 -1.53 19.56 1.03
N ILE C 48 -2.55 19.21 0.24
CA ILE C 48 -3.68 20.11 0.01
C ILE C 48 -4.98 19.33 0.12
N GLU C 49 -6.07 20.08 0.25
CA GLU C 49 -7.42 19.59 0.02
C GLU C 49 -7.85 20.07 -1.35
N LEU C 50 -8.47 19.19 -2.12
CA LEU C 50 -8.77 19.52 -3.51
C LEU C 50 -9.99 20.43 -3.58
N ASP C 51 -9.87 21.57 -4.25
CA ASP C 51 -11.07 22.31 -4.57
C ASP C 51 -11.64 21.75 -5.87
N ASN C 52 -12.85 22.17 -6.21
CA ASN C 52 -13.53 21.58 -7.36
C ASN C 52 -12.82 21.86 -8.68
N GLU C 53 -12.22 23.05 -8.81
CA GLU C 53 -11.47 23.35 -10.02
C GLU C 53 -10.28 22.43 -10.19
N ARG C 54 -9.64 22.02 -9.09
CA ARG C 54 -8.54 21.08 -9.22
C ARG C 54 -9.05 19.67 -9.53
N ILE C 55 -10.17 19.25 -8.94
CA ILE C 55 -10.75 17.95 -9.25
C ILE C 55 -11.20 17.90 -10.71
N TYR C 56 -11.88 18.95 -11.17
CA TYR C 56 -12.25 19.02 -12.58
C TYR C 56 -11.03 18.89 -13.49
N LYS C 57 -9.95 19.57 -13.15
CA LYS C 57 -8.73 19.50 -13.94
C LYS C 57 -8.15 18.09 -13.96
N ILE C 58 -8.19 17.39 -12.83
CA ILE C 58 -7.68 16.03 -12.78
C ILE C 58 -8.57 15.10 -13.61
N ILE C 59 -9.89 15.23 -13.45
CA ILE C 59 -10.82 14.40 -14.23
C ILE C 59 -10.61 14.62 -15.71
N ALA C 60 -10.59 15.89 -16.14
CA ALA C 60 -10.38 16.15 -17.57
C ALA C 60 -9.06 15.55 -18.04
N SER C 61 -8.01 15.65 -17.21
CA SER C 61 -6.72 15.09 -17.60
C SER C 61 -6.78 13.57 -17.71
N GLU C 62 -7.46 12.90 -16.78
CA GLU C 62 -7.61 11.44 -16.87
C GLU C 62 -8.45 11.04 -18.09
N ILE C 63 -9.44 11.86 -18.45
CA ILE C 63 -10.24 11.60 -19.65
C ILE C 63 -9.40 11.78 -20.91
N LYS C 64 -8.59 12.85 -20.97
CA LYS C 64 -7.81 13.10 -22.19
C LYS C 64 -6.86 11.95 -22.48
N LYS C 65 -6.13 11.46 -21.46
CA LYS C 65 -5.19 10.37 -21.68
C LYS C 65 -5.91 9.10 -22.16
N ARG C 66 -7.11 8.85 -21.65
CA ARG C 66 -7.88 7.70 -22.12
C ARG C 66 -8.36 7.89 -23.56
N LYS C 67 -8.75 9.10 -23.92
CA LYS C 67 -9.10 9.38 -25.32
C LYS C 67 -7.90 9.11 -26.24
N ASP C 68 -6.70 9.51 -25.80
CA ASP C 68 -5.49 9.22 -26.57
C ASP C 68 -5.24 7.71 -26.69
N ALA C 69 -5.44 6.96 -25.60
CA ALA C 69 -5.24 5.51 -25.65
C ALA C 69 -6.22 4.84 -26.62
N ILE C 70 -7.48 5.29 -26.64
CA ILE C 70 -8.47 4.66 -27.51
C ILE C 70 -8.02 4.74 -28.96
N GLU C 71 -7.44 5.88 -29.35
CA GLU C 71 -6.97 6.01 -30.73
C GLU C 71 -5.84 5.04 -31.03
N LEU C 72 -5.08 4.66 -30.01
CA LEU C 72 -3.99 3.74 -30.24
C LEU C 72 -4.47 2.30 -30.28
N TYR C 73 -5.43 1.95 -29.41
CA TYR C 73 -5.97 0.60 -29.39
C TYR C 73 -6.71 0.28 -30.68
N LEU C 74 -7.51 1.24 -31.16
CA LEU C 74 -8.23 1.07 -32.42
C LEU C 74 -7.26 0.94 -33.60
N LYS C 75 -6.15 1.68 -33.56
CA LYS C 75 -5.14 1.51 -34.59
C LYS C 75 -4.54 0.10 -34.56
N ALA C 76 -4.45 -0.51 -33.38
CA ALA C 76 -3.91 -1.85 -33.21
C ALA C 76 -4.98 -2.92 -33.35
N ASN C 77 -6.18 -2.54 -33.77
CA ASN C 77 -7.28 -3.48 -33.91
C ASN C 77 -7.52 -4.24 -32.60
N ARG C 78 -7.63 -3.49 -31.49
CA ARG C 78 -7.92 -4.08 -30.17
C ARG C 78 -9.13 -3.33 -29.59
N GLU C 79 -10.28 -3.60 -30.19
CA GLU C 79 -11.53 -2.95 -29.78
C GLU C 79 -11.86 -3.25 -28.33
N ASP C 80 -11.39 -4.40 -27.82
CA ASP C 80 -11.63 -4.73 -26.42
C ASP C 80 -10.98 -3.69 -25.51
N LEU C 81 -9.71 -3.38 -25.77
CA LEU C 81 -9.02 -2.38 -24.96
C LEU C 81 -9.67 -1.01 -25.14
N ALA C 82 -10.03 -0.66 -26.38
CA ALA C 82 -10.65 0.62 -26.68
C ALA C 82 -11.95 0.82 -25.90
N GLN C 83 -12.83 -0.19 -25.90
CA GLN C 83 -14.12 -0.05 -25.23
C GLN C 83 -13.96 0.13 -23.72
N LYS C 84 -13.00 -0.59 -23.11
CA LYS C 84 -12.79 -0.49 -21.66
C LYS C 84 -12.44 0.95 -21.25
N GLU C 85 -11.52 1.58 -21.98
CA GLU C 85 -11.19 2.98 -21.69
C GLU C 85 -12.41 3.88 -21.89
N GLN C 86 -13.20 3.61 -22.92
CA GLN C 86 -14.38 4.42 -23.18
C GLN C 86 -15.40 4.27 -22.06
N ASN C 87 -15.55 3.06 -21.54
CA ASN C 87 -16.46 2.85 -20.41
C ASN C 87 -15.98 3.64 -19.20
N GLU C 88 -14.66 3.75 -19.01
CA GLU C 88 -14.14 4.58 -17.91
C GLU C 88 -14.45 6.06 -18.12
N ILE C 89 -14.26 6.55 -19.34
CA ILE C 89 -14.57 7.95 -19.65
C ILE C 89 -16.04 8.26 -19.35
N SER C 90 -16.94 7.38 -19.80
CA SER C 90 -18.36 7.60 -19.54
C SER C 90 -18.63 7.72 -18.04
N LEU C 91 -17.89 6.97 -17.22
CA LEU C 91 -18.02 7.12 -15.78
C LEU C 91 -17.43 8.45 -15.28
N PHE C 92 -16.27 8.84 -15.81
CA PHE C 92 -15.63 10.04 -15.29
C PHE C 92 -16.36 11.31 -15.70
N GLU C 93 -16.92 11.33 -16.91
CA GLU C 93 -17.50 12.54 -17.48
C GLU C 93 -18.62 13.10 -16.63
N ILE C 94 -19.33 12.24 -15.90
CA ILE C 94 -20.49 12.63 -15.12
C ILE C 94 -20.14 13.69 -14.09
N TYR C 95 -18.88 13.72 -13.63
CA TYR C 95 -18.46 14.66 -12.60
C TYR C 95 -17.98 16.00 -13.15
N LEU C 96 -17.77 16.13 -14.46
CA LEU C 96 -17.34 17.40 -15.01
C LEU C 96 -18.47 18.43 -15.01
N PRO C 97 -18.13 19.72 -14.92
CA PRO C 97 -19.17 20.75 -15.00
C PRO C 97 -19.76 20.80 -16.40
N LYS C 98 -20.90 21.48 -16.52
CA LYS C 98 -21.55 21.61 -17.81
C LYS C 98 -20.57 22.18 -18.83
N GLN C 99 -20.47 21.52 -19.98
CA GLN C 99 -19.55 21.97 -21.02
C GLN C 99 -20.20 23.12 -21.78
N LEU C 100 -19.39 24.14 -22.09
CA LEU C 100 -19.95 25.27 -22.80
C LEU C 100 -20.44 24.83 -24.17
N SER C 101 -21.56 25.42 -24.60
CA SER C 101 -22.01 25.19 -25.95
C SER C 101 -21.12 25.99 -26.92
N ASP C 102 -21.22 25.67 -28.20
CA ASP C 102 -20.42 26.39 -29.20
C ASP C 102 -20.66 27.89 -29.16
N GLU C 103 -21.92 28.31 -29.00
CA GLU C 103 -22.19 29.74 -28.94
C GLU C 103 -21.64 30.35 -27.67
N GLU C 104 -21.72 29.63 -26.55
CA GLU C 104 -21.13 30.14 -25.32
C GLU C 104 -19.61 30.21 -25.41
N LEU C 105 -19.00 29.19 -26.00
CA LEU C 105 -17.55 29.18 -26.13
C LEU C 105 -17.07 30.29 -27.07
N THR C 106 -17.83 30.57 -28.13
CA THR C 106 -17.44 31.62 -29.07
C THR C 106 -17.49 32.98 -28.39
N LEU C 107 -18.58 33.25 -27.65
CA LEU C 107 -18.68 34.52 -26.92
C LEU C 107 -17.59 34.65 -25.86
N ALA C 108 -17.29 33.57 -25.13
CA ALA C 108 -16.28 33.65 -24.08
C ALA C 108 -14.90 33.99 -24.65
N LEU C 109 -14.54 33.37 -25.78
CA LEU C 109 -13.25 33.65 -26.40
C LEU C 109 -13.22 35.04 -27.04
N LYS C 110 -14.33 35.46 -27.67
CA LYS C 110 -14.40 36.82 -28.18
C LYS C 110 -14.28 37.83 -27.05
N GLN C 111 -14.95 37.56 -25.92
CA GLN C 111 -14.81 38.41 -24.74
C GLN C 111 -13.34 38.50 -24.33
N LEU C 112 -12.64 37.37 -24.32
CA LEU C 112 -11.24 37.35 -23.94
C LEU C 112 -10.36 38.02 -24.99
N ILE C 113 -10.63 37.74 -26.28
CA ILE C 113 -9.75 38.21 -27.35
C ILE C 113 -9.66 39.73 -27.36
N GLU C 114 -10.77 40.43 -27.14
CA GLU C 114 -10.74 41.88 -27.19
C GLU C 114 -10.19 42.50 -25.91
N GLU C 115 -10.21 41.76 -24.80
CA GLU C 115 -9.53 42.19 -23.59
C GLU C 115 -8.02 42.13 -23.80
N SER C 120 -4.15 38.10 -34.09
CA SER C 120 -3.34 37.25 -34.95
C SER C 120 -3.28 35.83 -34.40
N LEU C 121 -2.94 34.89 -35.29
CA LEU C 121 -2.88 33.48 -34.90
C LEU C 121 -1.59 33.13 -34.17
N LYS C 122 -0.61 34.04 -34.11
CA LYS C 122 0.65 33.74 -33.44
C LYS C 122 0.55 33.88 -31.92
N GLU C 123 -0.25 34.84 -31.44
CA GLU C 123 -0.44 35.05 -30.00
C GLU C 123 -1.51 34.14 -29.41
N GLN C 124 -1.78 32.98 -30.02
CA GLN C 124 -2.77 32.05 -29.48
C GLN C 124 -2.38 31.55 -28.10
N GLY C 125 -1.07 31.38 -27.85
CA GLY C 125 -0.63 30.95 -26.54
C GLY C 125 -1.10 31.85 -25.41
N LEU C 126 -1.15 33.17 -25.65
CA LEU C 126 -1.65 34.07 -24.62
C LEU C 126 -3.15 33.87 -24.44
N VAL C 127 -3.88 33.66 -25.53
CA VAL C 127 -5.31 33.40 -25.39
C VAL C 127 -5.53 32.06 -24.71
N MET C 128 -4.74 31.04 -25.08
CA MET C 128 -4.86 29.74 -24.44
C MET C 128 -4.64 29.85 -22.94
N LYS C 129 -3.61 30.59 -22.53
CA LYS C 129 -3.31 30.74 -21.10
C LYS C 129 -4.42 31.49 -20.38
N GLU C 130 -4.91 32.58 -20.98
CA GLU C 130 -5.99 33.34 -20.35
C GLU C 130 -7.31 32.58 -20.37
N ALA C 131 -7.57 31.80 -21.42
CA ALA C 131 -8.80 31.01 -21.49
C ALA C 131 -8.84 29.95 -20.39
N LYS C 132 -7.71 29.28 -20.14
CA LYS C 132 -7.70 28.19 -19.18
C LYS C 132 -8.08 28.68 -17.78
N ILE C 133 -7.65 29.89 -17.42
CA ILE C 133 -8.02 30.43 -16.11
C ILE C 133 -9.48 30.85 -16.09
N LYS C 134 -9.96 31.45 -17.18
CA LYS C 134 -11.32 31.98 -17.18
C LYS C 134 -12.36 30.89 -17.42
N LEU C 135 -12.07 29.91 -18.28
CA LEU C 135 -13.03 28.87 -18.60
C LEU C 135 -12.82 27.60 -17.81
N GLY C 136 -11.58 27.26 -17.48
CA GLY C 136 -11.35 26.10 -16.64
C GLY C 136 -11.73 24.81 -17.36
N ALA C 137 -12.44 23.94 -16.64
CA ALA C 137 -12.81 22.62 -17.12
C ALA C 137 -14.18 22.59 -17.78
N SER C 138 -14.82 23.75 -17.98
CA SER C 138 -16.05 23.82 -18.75
C SER C 138 -15.77 23.71 -20.25
N VAL C 139 -14.50 23.69 -20.65
CA VAL C 139 -14.07 23.44 -22.02
C VAL C 139 -12.85 22.51 -21.97
N ASP C 140 -12.82 21.51 -22.83
CA ASP C 140 -11.66 20.64 -22.86
C ASP C 140 -10.59 21.29 -23.74
N GLY C 141 -9.34 20.86 -23.54
CA GLY C 141 -8.21 21.50 -24.20
C GLY C 141 -8.30 21.52 -25.71
N LYS C 142 -8.59 20.37 -26.33
CA LYS C 142 -8.63 20.29 -27.79
C LYS C 142 -9.69 21.23 -28.34
N ARG C 143 -10.87 21.25 -27.73
CA ARG C 143 -11.92 22.12 -28.22
C ARG C 143 -11.53 23.58 -28.09
N LEU C 144 -10.84 23.92 -27.01
CA LEU C 144 -10.38 25.29 -26.80
C LEU C 144 -9.38 25.68 -27.87
N ASN C 145 -8.43 24.79 -28.16
CA ASN C 145 -7.42 25.07 -29.18
C ASN C 145 -8.04 25.27 -30.57
N LEU C 146 -8.92 24.35 -30.97
CA LEU C 146 -9.50 24.43 -32.30
C LEU C 146 -10.41 25.64 -32.47
N ALA C 147 -11.16 26.00 -31.42
CA ALA C 147 -12.02 27.17 -31.53
C ALA C 147 -11.20 28.45 -31.60
N LEU C 148 -10.06 28.46 -30.92
CA LEU C 148 -9.15 29.61 -30.98
C LEU C 148 -8.58 29.77 -32.39
N LYS C 149 -8.10 28.67 -32.98
CA LYS C 149 -7.64 28.68 -34.36
C LYS C 149 -8.72 29.23 -35.30
N GLU C 150 -9.97 28.81 -35.09
CA GLU C 150 -11.06 29.27 -35.95
C GLU C 150 -11.31 30.77 -35.80
N LEU C 151 -11.12 31.32 -34.60
CA LEU C 151 -11.36 32.75 -34.39
C LEU C 151 -10.17 33.61 -34.82
N LEU C 152 -8.95 33.14 -34.57
CA LEU C 152 -7.76 33.91 -34.93
C LEU C 152 -7.23 33.51 -36.31
N MET D 7 -19.97 13.69 30.92
CA MET D 7 -19.12 14.80 31.37
C MET D 7 -18.26 15.27 30.21
N THR D 8 -17.48 14.33 29.68
CA THR D 8 -16.84 14.48 28.38
C THR D 8 -17.09 13.19 27.61
N LEU D 9 -16.65 13.19 26.35
CA LEU D 9 -16.77 12.01 25.52
C LEU D 9 -16.05 10.83 26.14
N LYS D 10 -14.93 11.09 26.83
CA LYS D 10 -14.20 10.03 27.50
C LYS D 10 -15.13 9.23 28.42
N GLU D 11 -15.97 9.92 29.18
CA GLU D 11 -16.92 9.21 30.04
C GLU D 11 -17.94 8.44 29.22
N GLN D 12 -18.47 9.07 28.17
CA GLN D 12 -19.40 8.39 27.27
C GLN D 12 -18.77 7.14 26.64
N ILE D 13 -17.52 7.26 26.19
CA ILE D 13 -16.88 6.15 25.49
C ILE D 13 -16.61 4.99 26.44
N LEU D 14 -16.21 5.27 27.67
CA LEU D 14 -16.02 4.20 28.65
C LEU D 14 -17.34 3.48 28.92
N ASN D 15 -18.45 4.23 28.96
CA ASN D 15 -19.76 3.62 29.13
C ASN D 15 -20.11 2.75 27.93
N ASP D 16 -19.73 3.17 26.72
CA ASP D 16 -19.95 2.37 25.52
C ASP D 16 -19.10 1.10 25.51
N ILE D 17 -17.91 1.13 26.11
CA ILE D 17 -17.10 -0.07 26.30
C ILE D 17 -17.79 -1.05 27.25
N LYS D 18 -18.25 -0.54 28.40
CA LYS D 18 -18.96 -1.38 29.35
C LYS D 18 -20.24 -1.94 28.73
N GLU D 19 -20.98 -1.09 28.02
CA GLU D 19 -22.16 -1.55 27.31
C GLU D 19 -21.81 -2.65 26.31
N ALA D 20 -20.72 -2.47 25.56
CA ALA D 20 -20.31 -3.47 24.57
C ALA D 20 -19.92 -4.79 25.23
N MET D 21 -19.23 -4.72 26.39
CA MET D 21 -18.86 -5.94 27.09
C MET D 21 -20.10 -6.70 27.54
N LYS D 22 -21.12 -5.99 28.03
CA LYS D 22 -22.35 -6.62 28.49
C LYS D 22 -23.15 -7.21 27.34
N GLN D 23 -22.91 -6.76 26.10
CA GLN D 23 -23.60 -7.30 24.93
C GLN D 23 -22.77 -8.32 24.17
N LYS D 24 -21.55 -8.60 24.61
CA LYS D 24 -20.67 -9.58 23.98
C LYS D 24 -20.31 -9.16 22.56
N ASP D 25 -20.27 -7.85 22.31
CA ASP D 25 -19.86 -7.30 21.02
C ASP D 25 -18.36 -7.02 21.11
N ASP D 26 -17.59 -8.08 20.86
CA ASP D 26 -16.14 -8.01 21.05
C ASP D 26 -15.49 -7.01 20.12
N PHE D 27 -15.98 -6.89 18.88
CA PHE D 27 -15.38 -5.95 17.94
C PHE D 27 -15.56 -4.51 18.42
N LYS D 28 -16.76 -4.17 18.88
CA LYS D 28 -16.99 -2.83 19.41
C LYS D 28 -16.14 -2.57 20.64
N ARG D 29 -16.08 -3.54 21.55
CA ARG D 29 -15.28 -3.43 22.77
C ARG D 29 -13.82 -3.14 22.46
N ASP D 30 -13.21 -3.94 21.57
CA ASP D 30 -11.79 -3.85 21.29
C ASP D 30 -11.46 -2.57 20.52
N SER D 31 -12.34 -2.16 19.61
CA SER D 31 -12.11 -0.92 18.88
C SER D 31 -12.15 0.27 19.84
N LEU D 32 -13.17 0.33 20.70
CA LEU D 32 -13.29 1.42 21.65
C LEU D 32 -12.21 1.35 22.73
N ARG D 33 -11.81 0.14 23.14
CA ARG D 33 -10.65 0.02 24.03
C ARG D 33 -9.42 0.61 23.35
N THR D 34 -9.29 0.37 22.04
CA THR D 34 -8.18 0.94 21.29
C THR D 34 -8.21 2.45 21.35
N LEU D 35 -9.39 3.05 21.19
CA LEU D 35 -9.52 4.49 21.29
C LEU D 35 -9.20 4.97 22.72
N ASN D 36 -9.70 4.24 23.71
CA ASN D 36 -9.45 4.62 25.10
C ASN D 36 -7.97 4.56 25.46
N ALA D 37 -7.24 3.57 24.93
CA ALA D 37 -5.81 3.52 25.22
C ALA D 37 -5.10 4.76 24.71
N ALA D 38 -5.47 5.24 23.52
CA ALA D 38 -4.85 6.45 22.97
C ALA D 38 -5.14 7.66 23.86
N PHE D 39 -6.36 7.76 24.39
CA PHE D 39 -6.70 8.82 25.34
C PHE D 39 -5.78 8.76 26.54
N LYS D 40 -5.72 7.59 27.20
CA LYS D 40 -4.87 7.38 28.35
C LYS D 40 -3.42 7.77 28.05
N GLN D 41 -2.92 7.37 26.89
CA GLN D 41 -1.52 7.59 26.58
C GLN D 41 -1.20 9.09 26.61
N ILE D 42 -2.08 9.90 26.03
CA ILE D 42 -1.88 11.35 26.00
C ILE D 42 -2.02 11.96 27.39
N GLU D 43 -3.00 11.52 28.16
CA GLU D 43 -3.17 12.06 29.50
C GLU D 43 -1.94 11.79 30.36
N VAL D 44 -1.33 10.62 30.20
CA VAL D 44 -0.13 10.31 30.97
C VAL D 44 1.08 11.07 30.42
N ASP D 45 1.28 11.02 29.11
CA ASP D 45 2.45 11.66 28.53
C ASP D 45 2.44 13.17 28.74
N GLU D 46 1.29 13.81 28.58
CA GLU D 46 1.20 15.26 28.64
C GLU D 46 0.71 15.78 29.98
N ARG D 47 0.40 14.89 30.93
CA ARG D 47 -0.13 15.28 32.25
C ARG D 47 -1.26 16.29 32.10
N ILE D 48 -2.29 15.90 31.32
CA ILE D 48 -3.45 16.74 31.09
C ILE D 48 -4.70 15.88 31.30
N GLU D 49 -5.83 16.58 31.43
CA GLU D 49 -7.14 15.96 31.33
C GLU D 49 -7.76 16.34 29.99
N LEU D 50 -8.34 15.36 29.31
CA LEU D 50 -8.84 15.58 27.95
C LEU D 50 -10.18 16.30 27.98
N ASP D 51 -10.24 17.45 27.32
CA ASP D 51 -11.51 18.08 26.98
C ASP D 51 -11.95 17.58 25.60
N ASN D 52 -13.18 17.93 25.22
CA ASN D 52 -13.75 17.44 23.96
C ASN D 52 -12.95 17.91 22.74
N GLU D 53 -12.38 19.11 22.79
CA GLU D 53 -11.58 19.63 21.67
C GLU D 53 -10.45 18.68 21.30
N ARG D 54 -9.71 18.21 22.31
CA ARG D 54 -8.59 17.31 22.05
C ARG D 54 -9.06 15.90 21.69
N ILE D 55 -10.16 15.43 22.28
CA ILE D 55 -10.67 14.12 21.91
C ILE D 55 -11.01 14.09 20.42
N TYR D 56 -11.67 15.14 19.91
CA TYR D 56 -11.99 15.20 18.48
C TYR D 56 -10.74 15.07 17.63
N LYS D 57 -9.68 15.80 17.98
CA LYS D 57 -8.44 15.73 17.24
C LYS D 57 -7.83 14.33 17.32
N ILE D 58 -7.94 13.69 18.48
CA ILE D 58 -7.42 12.33 18.60
C ILE D 58 -8.20 11.39 17.69
N ILE D 59 -9.54 11.52 17.70
CA ILE D 59 -10.36 10.68 16.83
C ILE D 59 -10.02 10.95 15.36
N ALA D 60 -9.96 12.23 14.97
CA ALA D 60 -9.66 12.55 13.57
C ALA D 60 -8.35 11.92 13.10
N SER D 61 -7.30 12.00 13.94
CA SER D 61 -6.02 11.39 13.56
C SER D 61 -6.12 9.88 13.49
N GLU D 62 -6.86 9.26 14.43
CA GLU D 62 -7.07 7.82 14.38
C GLU D 62 -7.88 7.43 13.14
N ILE D 63 -8.85 8.25 12.75
CA ILE D 63 -9.60 7.98 11.52
C ILE D 63 -8.69 8.11 10.31
N LYS D 64 -7.85 9.15 10.28
CA LYS D 64 -6.97 9.41 9.14
C LYS D 64 -6.01 8.25 8.91
N LYS D 65 -5.41 7.72 9.99
CA LYS D 65 -4.51 6.59 9.86
C LYS D 65 -5.21 5.39 9.24
N ARG D 66 -6.46 5.16 9.63
CA ARG D 66 -7.23 4.03 9.13
C ARG D 66 -7.63 4.25 7.67
N LYS D 67 -7.98 5.48 7.30
CA LYS D 67 -8.24 5.76 5.89
C LYS D 67 -7.01 5.48 5.03
N ASP D 68 -5.84 5.88 5.51
CA ASP D 68 -4.61 5.57 4.79
C ASP D 68 -4.39 4.07 4.72
N ALA D 69 -4.69 3.35 5.81
CA ALA D 69 -4.55 1.90 5.80
C ALA D 69 -5.50 1.25 4.77
N ILE D 70 -6.70 1.80 4.61
CA ILE D 70 -7.70 1.23 3.69
C ILE D 70 -7.18 1.22 2.26
N GLU D 71 -6.48 2.28 1.84
CA GLU D 71 -5.95 2.32 0.49
C GLU D 71 -4.92 1.23 0.24
N LEU D 72 -4.09 0.90 1.24
CA LEU D 72 -3.12 -0.18 1.06
C LEU D 72 -3.80 -1.55 1.00
N TYR D 73 -4.83 -1.75 1.83
CA TYR D 73 -5.51 -3.03 1.86
C TYR D 73 -6.17 -3.32 0.51
N LEU D 74 -6.83 -2.30 -0.07
CA LEU D 74 -7.48 -2.44 -1.37
C LEU D 74 -6.44 -2.69 -2.47
N LYS D 75 -5.38 -1.89 -2.50
CA LYS D 75 -4.26 -2.19 -3.39
C LYS D 75 -3.90 -3.67 -3.34
N ALA D 76 -3.89 -4.27 -2.15
CA ALA D 76 -3.57 -5.67 -2.01
C ALA D 76 -4.78 -6.60 -2.26
N ASN D 77 -5.92 -6.06 -2.67
CA ASN D 77 -7.14 -6.85 -2.95
C ASN D 77 -7.65 -7.60 -1.71
N ARG D 78 -7.46 -7.03 -0.52
CA ARG D 78 -8.05 -7.58 0.70
C ARG D 78 -9.19 -6.66 1.13
N GLU D 79 -10.35 -6.89 0.51
CA GLU D 79 -11.56 -6.12 0.82
C GLU D 79 -12.01 -6.36 2.25
N ASP D 80 -11.66 -7.52 2.83
CA ASP D 80 -12.05 -7.81 4.21
C ASP D 80 -11.34 -6.88 5.16
N LEU D 81 -10.04 -6.74 4.96
CA LEU D 81 -9.26 -5.89 5.84
C LEU D 81 -9.74 -4.45 5.73
N ALA D 82 -10.02 -4.00 4.51
CA ALA D 82 -10.47 -2.62 4.30
C ALA D 82 -11.78 -2.36 5.03
N GLN D 83 -12.72 -3.28 4.88
CA GLN D 83 -14.03 -3.10 5.47
C GLN D 83 -13.95 -3.06 6.99
N LYS D 84 -13.10 -3.90 7.58
CA LYS D 84 -12.95 -3.93 9.03
C LYS D 84 -12.50 -2.56 9.55
N GLU D 85 -11.50 -1.96 8.91
CA GLU D 85 -11.06 -0.62 9.29
C GLU D 85 -12.19 0.39 9.08
N GLN D 86 -12.96 0.22 8.00
CA GLN D 86 -14.08 1.12 7.77
C GLN D 86 -15.10 0.98 8.89
N ASN D 87 -15.30 -0.23 9.40
CA ASN D 87 -16.19 -0.43 10.53
C ASN D 87 -15.66 0.30 11.76
N GLU D 88 -14.33 0.30 11.97
CA GLU D 88 -13.76 1.06 13.08
C GLU D 88 -14.01 2.55 12.91
N ILE D 89 -13.81 3.06 11.70
CA ILE D 89 -14.07 4.47 11.44
C ILE D 89 -15.50 4.81 11.80
N SER D 90 -16.43 4.00 11.32
CA SER D 90 -17.85 4.24 11.56
C SER D 90 -18.16 4.29 13.05
N LEU D 91 -17.47 3.46 13.86
CA LEU D 91 -17.64 3.54 15.30
C LEU D 91 -17.09 4.85 15.86
N PHE D 92 -15.93 5.30 15.35
CA PHE D 92 -15.32 6.52 15.91
C PHE D 92 -16.10 7.77 15.49
N GLU D 93 -16.65 7.77 14.27
CA GLU D 93 -17.28 8.98 13.76
C GLU D 93 -18.50 9.39 14.58
N ILE D 94 -19.18 8.44 15.22
CA ILE D 94 -20.41 8.80 15.93
C ILE D 94 -20.14 9.83 17.00
N TYR D 95 -18.90 9.89 17.52
CA TYR D 95 -18.56 10.81 18.59
C TYR D 95 -18.18 12.19 18.09
N LEU D 96 -18.01 12.37 16.79
CA LEU D 96 -17.67 13.68 16.27
C LEU D 96 -18.87 14.62 16.37
N PRO D 97 -18.64 15.91 16.52
CA PRO D 97 -19.75 16.85 16.73
C PRO D 97 -20.59 17.05 15.48
N LYS D 98 -21.76 17.67 15.69
CA LYS D 98 -22.64 18.05 14.59
C LYS D 98 -21.89 18.99 13.64
N GLN D 99 -21.91 18.67 12.35
CA GLN D 99 -21.20 19.47 11.36
C GLN D 99 -22.04 20.67 10.90
N LEU D 100 -21.38 21.81 10.73
CA LEU D 100 -22.06 23.02 10.27
C LEU D 100 -22.68 22.80 8.90
N SER D 101 -23.83 23.44 8.68
CA SER D 101 -24.44 23.43 7.36
C SER D 101 -23.68 24.36 6.42
N ASP D 102 -23.89 24.17 5.11
CA ASP D 102 -23.25 25.05 4.14
C ASP D 102 -23.64 26.51 4.38
N GLU D 103 -24.91 26.75 4.68
CA GLU D 103 -25.34 28.13 4.98
C GLU D 103 -24.79 28.61 6.31
N GLU D 104 -24.72 27.72 7.31
CA GLU D 104 -24.12 28.07 8.60
C GLU D 104 -22.63 28.31 8.46
N LEU D 105 -21.96 27.51 7.62
CA LEU D 105 -20.54 27.71 7.38
C LEU D 105 -20.26 29.00 6.63
N THR D 106 -21.17 29.39 5.73
CA THR D 106 -20.99 30.60 4.93
C THR D 106 -20.99 31.85 5.81
N LEU D 107 -21.98 31.95 6.71
CA LEU D 107 -22.03 33.07 7.66
C LEU D 107 -20.82 33.09 8.60
N ALA D 108 -20.43 31.92 9.13
CA ALA D 108 -19.33 31.88 10.07
C ALA D 108 -18.04 32.35 9.41
N LEU D 109 -17.77 31.87 8.20
CA LEU D 109 -16.57 32.31 7.47
C LEU D 109 -16.71 33.76 7.04
N LYS D 110 -17.93 34.17 6.64
CA LYS D 110 -18.19 35.57 6.31
C LYS D 110 -17.91 36.48 7.50
N GLN D 111 -18.29 36.04 8.70
CA GLN D 111 -17.97 36.81 9.90
C GLN D 111 -16.47 37.04 10.01
N LEU D 112 -15.69 35.97 9.88
CA LEU D 112 -14.23 36.09 9.93
C LEU D 112 -13.71 36.77 8.66
N GLN D 124 -5.24 33.63 2.29
CA GLN D 124 -6.20 32.55 2.48
C GLN D 124 -5.63 31.51 3.43
N GLY D 125 -4.33 31.25 3.31
CA GLY D 125 -3.66 30.36 4.24
C GLY D 125 -3.80 30.81 5.68
N LEU D 126 -3.80 32.12 5.92
CA LEU D 126 -4.02 32.65 7.25
C LEU D 126 -5.47 32.45 7.68
N VAL D 127 -6.42 32.60 6.75
CA VAL D 127 -7.84 32.45 7.06
C VAL D 127 -8.19 31.00 7.41
N MET D 128 -7.65 30.03 6.65
CA MET D 128 -7.94 28.62 6.94
C MET D 128 -7.45 28.23 8.33
N LYS D 129 -6.25 28.67 8.71
CA LYS D 129 -5.70 28.37 10.04
C LYS D 129 -6.50 29.03 11.14
N GLU D 130 -6.85 30.30 10.97
CA GLU D 130 -7.63 31.00 11.98
C GLU D 130 -9.05 30.45 12.06
N ALA D 131 -9.61 29.98 10.94
CA ALA D 131 -10.92 29.37 10.94
C ALA D 131 -10.95 28.09 11.77
N LYS D 132 -9.96 27.21 11.55
CA LYS D 132 -9.91 25.94 12.29
C LYS D 132 -9.84 26.15 13.80
N ILE D 133 -9.28 27.28 14.23
CA ILE D 133 -9.28 27.61 15.65
C ILE D 133 -10.69 28.00 16.10
N LYS D 134 -11.41 28.76 15.27
CA LYS D 134 -12.74 29.24 15.66
C LYS D 134 -13.83 28.18 15.50
N LEU D 135 -13.74 27.36 14.45
CA LEU D 135 -14.77 26.36 14.16
C LEU D 135 -14.45 24.98 14.69
N GLY D 136 -13.17 24.64 14.82
CA GLY D 136 -12.78 23.37 15.42
C GLY D 136 -13.18 22.17 14.56
N ALA D 137 -13.76 21.17 15.21
CA ALA D 137 -14.10 19.92 14.54
C ALA D 137 -15.51 19.93 13.96
N SER D 138 -16.21 21.06 13.99
CA SER D 138 -17.51 21.13 13.33
C SER D 138 -17.42 21.27 11.82
N VAL D 139 -16.22 21.47 11.28
CA VAL D 139 -16.03 21.51 9.83
C VAL D 139 -14.70 20.87 9.49
N ASP D 140 -14.69 20.12 8.38
CA ASP D 140 -13.48 19.49 7.87
C ASP D 140 -12.72 20.40 6.91
N GLY D 141 -11.45 20.06 6.71
CA GLY D 141 -10.60 20.86 5.84
C GLY D 141 -11.18 21.02 4.44
N LYS D 142 -11.69 19.92 3.88
CA LYS D 142 -12.20 19.95 2.51
C LYS D 142 -13.34 20.95 2.34
N ARG D 143 -14.32 20.93 3.26
CA ARG D 143 -15.41 21.88 3.14
C ARG D 143 -14.95 23.30 3.39
N LEU D 144 -13.96 23.49 4.26
CA LEU D 144 -13.44 24.83 4.52
C LEU D 144 -12.78 25.43 3.28
N ASN D 145 -11.97 24.64 2.58
CA ASN D 145 -11.24 25.15 1.41
C ASN D 145 -12.20 25.63 0.32
N LEU D 146 -13.22 24.83 -0.01
CA LEU D 146 -14.13 25.21 -1.07
C LEU D 146 -14.96 26.43 -0.66
N ALA D 147 -15.36 26.51 0.61
CA ALA D 147 -16.17 27.63 1.08
C ALA D 147 -15.37 28.92 1.12
N LEU D 148 -14.08 28.83 1.46
CA LEU D 148 -13.21 30.01 1.43
C LEU D 148 -13.02 30.51 0.01
N LYS D 149 -12.79 29.59 -0.94
CA LYS D 149 -12.62 29.96 -2.34
C LYS D 149 -13.78 30.83 -2.85
N GLU D 150 -15.02 30.44 -2.51
CA GLU D 150 -16.17 31.22 -2.93
C GLU D 150 -16.24 32.58 -2.24
N LEU D 151 -15.84 32.65 -0.96
CA LEU D 151 -15.95 33.90 -0.22
C LEU D 151 -14.77 34.84 -0.47
N LEU D 152 -13.64 34.30 -0.92
CA LEU D 152 -12.54 35.11 -1.39
C LEU D 152 -12.53 35.14 -2.92
#